data_5Z34
#
_entry.id   5Z34
#
_cell.length_a   115.017
_cell.length_b   115.017
_cell.length_c   106.510
_cell.angle_alpha   90.00
_cell.angle_beta   90.00
_cell.angle_gamma   120.00
#
_symmetry.space_group_name_H-M   'P 31 2 1'
#
loop_
_entity.id
_entity.type
_entity.pdbx_description
1 polymer 'Chitin deacetylase'
2 branched 2-acetamido-2-deoxy-beta-D-glucopyranose-(1-4)-2-acetamido-2-deoxy-beta-D-glucopyranose
3 non-polymer 'ZINC ION'
4 water water
#
_entity_poly.entity_id   1
_entity_poly.type   'polypeptide(L)'
_entity_poly.pdbx_seq_one_letter_code
;TELPLATPCDEEACKLPDCRCSSTNIPGGLRARDTPQFVTVTFDDGINVINIETYREVLYGRSNSNRCPAGATFYVSHEY
TNYQLVNELYNRGFEIALHSISHRTPQAFWADATYQNLVQEIGDQKRQMAHFASIPASAIKGVRIPFLQMSGNTSFQVMA
DFDLLYDCTWPTTALTNPGLWPYTLHHESIQDCIIPPCPTASIPGPWVLPMISWRDLNNFPCSMVDGCFFTPDRTDEEGW
FKFILTNFERHYLGNRAPFGFFVHEWFISSNPAIKRAFVRFMDIINNLNDVFMVNSAEVIDWVKNPVPIDRYRQQQCKFT
MPSICRPSFCGPLTGTHNQLSYYMTICNTCPRNYPWVGNPLGQHHHHHH
;
_entity_poly.pdbx_strand_id   A
#
loop_
_chem_comp.id
_chem_comp.type
_chem_comp.name
_chem_comp.formula
NAG D-saccharide, beta linking 2-acetamido-2-deoxy-beta-D-glucopyranose 'C8 H15 N O6'
ZN non-polymer 'ZINC ION' 'Zn 2'
#
# COMPACT_ATOMS: atom_id res chain seq x y z
N LEU A 5 -12.58 7.28 23.15
CA LEU A 5 -11.52 6.31 23.47
C LEU A 5 -12.00 4.87 23.35
N ALA A 6 -11.28 4.09 22.56
CA ALA A 6 -11.75 2.76 22.21
C ALA A 6 -11.62 1.81 23.39
N THR A 7 -12.61 0.94 23.56
CA THR A 7 -12.67 -0.11 24.56
C THR A 7 -12.17 -1.43 23.96
N PRO A 8 -11.73 -2.38 24.80
CA PRO A 8 -11.34 -3.70 24.29
C PRO A 8 -12.46 -4.35 23.50
N CYS A 9 -12.12 -5.35 22.69
CA CYS A 9 -13.03 -5.77 21.64
C CYS A 9 -14.23 -6.52 22.20
N ASP A 10 -15.41 -6.06 21.82
CA ASP A 10 -16.69 -6.71 22.09
C ASP A 10 -16.95 -7.70 20.97
N GLU A 11 -16.38 -8.91 21.11
CA GLU A 11 -16.42 -9.95 20.09
C GLU A 11 -17.85 -10.24 19.60
N GLU A 12 -18.84 -9.75 20.34
CA GLU A 12 -20.24 -9.88 19.95
C GLU A 12 -20.75 -8.65 19.19
N ALA A 13 -20.19 -7.47 19.44
CA ALA A 13 -20.56 -6.29 18.67
C ALA A 13 -19.77 -6.16 17.38
N CYS A 14 -18.48 -6.47 17.42
CA CYS A 14 -17.59 -6.35 16.26
C CYS A 14 -17.80 -7.56 15.35
N LYS A 15 -18.48 -7.36 14.23
CA LYS A 15 -18.80 -8.43 13.30
C LYS A 15 -18.55 -7.99 11.85
N LEU A 16 -18.04 -8.92 11.05
CA LEU A 16 -17.88 -8.68 9.63
C LEU A 16 -19.24 -8.35 9.00
N PRO A 17 -19.26 -7.59 7.90
CA PRO A 17 -18.09 -7.06 7.18
C PRO A 17 -17.62 -5.69 7.65
N ASP A 18 -18.27 -5.14 8.68
CA ASP A 18 -18.01 -3.76 9.06
C ASP A 18 -16.98 -3.61 10.16
N CYS A 19 -16.75 -4.65 10.97
CA CYS A 19 -15.95 -4.52 12.17
C CYS A 19 -15.14 -5.78 12.39
N ARG A 20 -13.88 -5.60 12.81
CA ARG A 20 -13.03 -6.73 13.17
C ARG A 20 -11.99 -6.27 14.18
N CYS A 21 -11.74 -7.11 15.19
CA CYS A 21 -10.74 -6.78 16.21
C CYS A 21 -9.35 -7.15 15.76
N SER A 22 -8.36 -6.45 16.32
CA SER A 22 -6.98 -6.84 16.13
C SER A 22 -6.75 -8.22 16.72
N SER A 23 -6.40 -9.19 15.87
CA SER A 23 -6.26 -10.56 16.31
C SER A 23 -5.40 -11.30 15.29
N THR A 24 -4.72 -12.34 15.75
CA THR A 24 -3.95 -13.21 14.86
C THR A 24 -4.74 -14.41 14.37
N ASN A 25 -6.02 -14.49 14.74
CA ASN A 25 -6.86 -15.58 14.25
C ASN A 25 -7.29 -15.30 12.82
N ILE A 26 -7.42 -16.37 12.04
CA ILE A 26 -7.78 -16.24 10.62
C ILE A 26 -9.25 -15.83 10.50
N PRO A 27 -9.56 -14.79 9.72
CA PRO A 27 -10.97 -14.39 9.54
C PRO A 27 -11.85 -15.54 9.08
N GLY A 28 -13.12 -15.45 9.43
CA GLY A 28 -14.09 -16.49 9.08
C GLY A 28 -13.92 -17.80 9.80
N GLY A 29 -13.03 -17.88 10.79
CA GLY A 29 -12.76 -19.14 11.45
C GLY A 29 -12.16 -20.20 10.56
N LEU A 30 -11.51 -19.81 9.46
CA LEU A 30 -10.97 -20.78 8.52
C LEU A 30 -9.71 -21.43 9.06
N ARG A 31 -9.45 -22.65 8.60
CA ARG A 31 -8.17 -23.29 8.87
C ARG A 31 -7.13 -22.79 7.89
N ALA A 32 -5.87 -22.75 8.36
CA ALA A 32 -4.79 -22.18 7.56
C ALA A 32 -4.72 -22.80 6.17
N ARG A 33 -4.85 -24.13 6.08
CA ARG A 33 -4.73 -24.81 4.79
C ARG A 33 -5.90 -24.50 3.86
N ASP A 34 -6.99 -23.96 4.37
CA ASP A 34 -8.10 -23.53 3.52
C ASP A 34 -8.08 -22.03 3.25
N THR A 35 -7.06 -21.31 3.71
CA THR A 35 -6.98 -19.86 3.64
C THR A 35 -6.07 -19.43 2.50
N PRO A 36 -6.53 -18.56 1.60
CA PRO A 36 -5.62 -18.06 0.54
C PRO A 36 -4.47 -17.28 1.13
N GLN A 37 -3.29 -17.48 0.57
CA GLN A 37 -2.11 -16.69 0.94
C GLN A 37 -2.04 -15.49 0.00
N PHE A 38 -2.24 -14.29 0.55
CA PHE A 38 -2.14 -13.07 -0.22
C PHE A 38 -0.74 -12.48 -0.11
N VAL A 39 -0.22 -12.00 -1.24
CA VAL A 39 1.04 -11.27 -1.30
C VAL A 39 0.75 -9.88 -1.82
N THR A 40 1.22 -8.87 -1.09
CA THR A 40 1.04 -7.48 -1.50
C THR A 40 2.41 -6.90 -1.82
N VAL A 41 2.73 -6.84 -3.11
CA VAL A 41 3.90 -6.11 -3.59
C VAL A 41 3.54 -4.64 -3.69
N THR A 42 4.37 -3.77 -3.10
CA THR A 42 4.08 -2.34 -3.08
C THR A 42 5.34 -1.55 -3.39
N PHE A 43 5.14 -0.34 -3.93
CA PHE A 43 6.22 0.60 -4.25
C PHE A 43 5.83 1.99 -3.74
N ASP A 44 6.75 2.66 -3.09
CA ASP A 44 6.52 3.93 -2.52
C ASP A 44 6.95 5.06 -3.44
N ASP A 45 6.44 6.24 -3.18
CA ASP A 45 6.86 7.48 -3.76
C ASP A 45 6.62 7.63 -5.26
N GLY A 46 7.08 8.75 -5.82
CA GLY A 46 6.78 9.18 -7.18
C GLY A 46 6.95 8.34 -8.43
N ILE A 47 5.97 8.45 -9.33
CA ILE A 47 5.98 7.66 -10.54
C ILE A 47 6.56 8.50 -11.65
N ASN A 48 7.55 8.00 -12.35
CA ASN A 48 8.26 8.79 -13.35
C ASN A 48 8.73 7.88 -14.48
N VAL A 49 9.32 8.49 -15.51
CA VAL A 49 9.71 7.77 -16.72
C VAL A 49 10.84 6.79 -16.49
N ILE A 50 11.56 6.89 -15.37
CA ILE A 50 12.63 5.96 -15.08
C ILE A 50 12.07 4.72 -14.40
N ASN A 51 11.45 4.90 -13.23
CA ASN A 51 11.01 3.71 -12.49
C ASN A 51 9.83 2.99 -13.15
N ILE A 52 9.12 3.64 -14.07
CA ILE A 52 8.08 2.93 -14.81
C ILE A 52 8.67 1.80 -15.64
N GLU A 53 9.95 1.93 -16.03
CA GLU A 53 10.58 0.87 -16.82
C GLU A 53 10.72 -0.40 -16.00
N THR A 54 11.07 -0.27 -14.72
CA THR A 54 11.12 -1.42 -13.83
C THR A 54 9.74 -2.04 -13.68
N TYR A 55 8.71 -1.21 -13.50
CA TYR A 55 7.36 -1.73 -13.27
C TYR A 55 6.87 -2.50 -14.50
N ARG A 56 7.10 -1.96 -15.69
CA ARG A 56 6.71 -2.67 -16.90
C ARG A 56 7.44 -4.01 -16.99
N GLU A 57 8.73 -4.02 -16.66
CA GLU A 57 9.54 -5.22 -16.87
C GLU A 57 9.14 -6.34 -15.93
N VAL A 58 9.06 -6.07 -14.64
CA VAL A 58 8.87 -7.14 -13.66
C VAL A 58 7.42 -7.38 -13.26
N LEU A 59 6.48 -6.52 -13.69
CA LEU A 59 5.08 -6.67 -13.28
C LEU A 59 4.12 -6.96 -14.42
N TYR A 60 4.32 -6.37 -15.59
CA TYR A 60 3.33 -6.47 -16.67
C TYR A 60 3.26 -7.90 -17.19
N GLY A 61 2.06 -8.29 -17.63
CA GLY A 61 1.84 -9.62 -18.16
C GLY A 61 1.69 -10.73 -17.13
N ARG A 62 1.97 -10.46 -15.85
CA ARG A 62 1.85 -11.50 -14.85
C ARG A 62 0.39 -11.81 -14.57
N SER A 63 0.11 -13.07 -14.24
CA SER A 63 -1.21 -13.45 -13.78
C SER A 63 -1.08 -14.46 -12.65
N ASN A 64 -2.07 -14.49 -11.78
CA ASN A 64 -2.15 -15.51 -10.75
C ASN A 64 -2.64 -16.83 -11.35
N SER A 65 -2.58 -17.89 -10.57
CA SER A 65 -2.92 -19.22 -11.06
C SER A 65 -4.41 -19.37 -11.38
N ASN A 66 -5.24 -18.41 -11.00
CA ASN A 66 -6.64 -18.37 -11.42
C ASN A 66 -6.84 -17.50 -12.65
N ARG A 67 -5.77 -17.17 -13.36
CA ARG A 67 -5.75 -16.36 -14.59
C ARG A 67 -6.17 -14.92 -14.37
N CYS A 68 -6.27 -14.46 -13.13
CA CYS A 68 -6.51 -13.04 -12.94
C CYS A 68 -5.19 -12.27 -12.97
N PRO A 69 -5.19 -11.04 -13.47
CA PRO A 69 -3.94 -10.27 -13.54
C PRO A 69 -3.34 -10.04 -12.15
N ALA A 70 -2.05 -10.35 -12.02
CA ALA A 70 -1.38 -10.16 -10.75
C ALA A 70 -1.28 -8.67 -10.42
N GLY A 71 -1.57 -8.33 -9.15
CA GLY A 71 -1.66 -6.95 -8.73
C GLY A 71 -0.44 -6.48 -7.94
N ALA A 72 -0.51 -5.20 -7.58
CA ALA A 72 0.52 -4.50 -6.83
C ALA A 72 0.01 -3.12 -6.46
N THR A 73 0.46 -2.58 -5.33
CA THR A 73 -0.04 -1.32 -4.81
C THR A 73 1.04 -0.26 -4.91
N PHE A 74 0.70 0.89 -5.48
CA PHE A 74 1.62 2.02 -5.62
C PHE A 74 1.17 3.12 -4.67
N TYR A 75 1.92 3.32 -3.60
CA TYR A 75 1.69 4.44 -2.68
C TYR A 75 2.38 5.66 -3.28
N VAL A 76 1.61 6.47 -3.98
CA VAL A 76 2.14 7.53 -4.84
C VAL A 76 2.13 8.85 -4.08
N SER A 77 3.28 9.52 -4.05
CA SER A 77 3.37 10.89 -3.59
C SER A 77 3.39 11.84 -4.80
N HIS A 78 2.92 13.07 -4.58
CA HIS A 78 2.56 13.92 -5.71
C HIS A 78 3.78 14.49 -6.43
N GLU A 79 4.80 14.93 -5.69
CA GLU A 79 5.87 15.70 -6.31
C GLU A 79 6.68 14.86 -7.30
N TYR A 80 6.78 15.37 -8.54
CA TYR A 80 7.49 14.72 -9.65
C TYR A 80 6.85 13.41 -10.06
N THR A 81 5.53 13.30 -9.89
CA THR A 81 4.79 12.16 -10.40
C THR A 81 4.22 12.51 -11.78
N ASN A 82 4.46 11.61 -12.74
CA ASN A 82 3.89 11.69 -14.09
C ASN A 82 2.54 10.98 -14.02
N TYR A 83 1.45 11.77 -14.01
CA TYR A 83 0.13 11.19 -13.83
C TYR A 83 -0.34 10.40 -15.04
N GLN A 84 0.22 10.65 -16.23
CA GLN A 84 -0.05 9.78 -17.35
C GLN A 84 0.45 8.36 -17.10
N LEU A 85 1.60 8.22 -16.43
CA LEU A 85 2.09 6.89 -16.08
C LEU A 85 1.28 6.26 -14.96
N VAL A 86 0.77 7.06 -14.03
CA VAL A 86 -0.17 6.55 -13.04
C VAL A 86 -1.39 5.96 -13.75
N ASN A 87 -1.93 6.70 -14.71
CA ASN A 87 -3.09 6.22 -15.45
C ASN A 87 -2.78 4.89 -16.13
N GLU A 88 -1.57 4.76 -16.68
CA GLU A 88 -1.17 3.52 -17.33
C GLU A 88 -1.16 2.36 -16.34
N LEU A 89 -0.57 2.58 -15.17
CA LEU A 89 -0.53 1.54 -14.14
C LEU A 89 -1.94 1.15 -13.70
N TYR A 90 -2.80 2.15 -13.47
CA TYR A 90 -4.17 1.87 -13.08
C TYR A 90 -4.86 1.00 -14.14
N ASN A 91 -4.64 1.30 -15.41
CA ASN A 91 -5.35 0.58 -16.47
C ASN A 91 -4.82 -0.83 -16.66
N ARG A 92 -3.60 -1.13 -16.21
CA ARG A 92 -3.11 -2.49 -16.17
C ARG A 92 -3.56 -3.24 -14.92
N GLY A 93 -4.47 -2.67 -14.14
CA GLY A 93 -5.06 -3.35 -13.00
C GLY A 93 -4.36 -3.14 -11.68
N PHE A 94 -3.35 -2.27 -11.61
CA PHE A 94 -2.65 -2.04 -10.35
C PHE A 94 -3.34 -0.95 -9.54
N GLU A 95 -3.16 -1.02 -8.23
CA GLU A 95 -3.86 -0.12 -7.31
C GLU A 95 -3.05 1.16 -7.10
N ILE A 96 -3.70 2.30 -7.26
CA ILE A 96 -3.09 3.59 -6.96
C ILE A 96 -3.56 4.02 -5.58
N ALA A 97 -2.61 4.26 -4.67
CA ALA A 97 -2.90 4.63 -3.29
C ALA A 97 -2.14 5.91 -2.95
N LEU A 98 -2.46 6.51 -1.84
CA LEU A 98 -1.88 7.74 -1.42
C LEU A 98 -0.71 7.68 -0.48
N HIS A 99 0.29 8.51 -0.74
CA HIS A 99 1.51 8.66 0.02
C HIS A 99 1.80 10.16 0.16
N SER A 100 0.77 10.98 0.15
CA SER A 100 0.77 12.43 0.43
C SER A 100 1.14 13.34 -0.70
N ILE A 101 0.74 14.58 -0.62
CA ILE A 101 1.14 15.57 -1.57
C ILE A 101 2.59 16.02 -1.47
N SER A 102 3.07 16.35 -0.29
CA SER A 102 4.43 16.84 -0.14
C SER A 102 5.52 15.91 0.27
N HIS A 103 5.16 14.87 0.98
CA HIS A 103 6.16 13.94 1.52
C HIS A 103 7.24 14.70 2.29
N ARG A 104 6.84 15.80 2.92
CA ARG A 104 7.80 16.75 3.45
C ARG A 104 8.59 16.18 4.63
N THR A 105 9.83 16.59 4.71
CA THR A 105 10.70 16.38 5.86
C THR A 105 10.42 17.46 6.89
N PRO A 106 10.73 17.23 8.17
CA PRO A 106 11.27 15.99 8.72
C PRO A 106 10.18 15.02 9.13
N GLN A 107 10.56 13.78 9.45
CA GLN A 107 9.60 12.78 9.89
C GLN A 107 8.77 13.27 11.07
N ALA A 108 9.35 14.13 11.91
CA ALA A 108 8.66 14.60 13.10
C ALA A 108 7.38 15.35 12.76
N PHE A 109 7.34 16.00 11.58
CA PHE A 109 6.13 16.71 11.18
C PHE A 109 4.92 15.79 11.18
N TRP A 110 5.08 14.57 10.67
CA TRP A 110 3.93 13.68 10.50
C TRP A 110 3.46 13.09 11.82
N ALA A 111 4.36 12.97 12.80
CA ALA A 111 3.95 12.49 14.12
C ALA A 111 2.99 13.45 14.81
N ASP A 112 3.02 14.73 14.44
CA ASP A 112 2.32 15.80 15.13
C ASP A 112 1.25 16.46 14.29
N ALA A 113 1.15 16.12 13.00
CA ALA A 113 0.31 16.85 12.06
C ALA A 113 -1.08 17.10 12.64
N THR A 114 -1.60 18.30 12.42
CA THR A 114 -2.95 18.60 12.81
C THR A 114 -3.93 17.87 11.90
N TYR A 115 -5.19 17.83 12.33
CA TYR A 115 -6.25 17.34 11.45
C TYR A 115 -6.19 18.05 10.10
N GLN A 116 -6.11 19.38 10.14
CA GLN A 116 -6.04 20.16 8.91
C GLN A 116 -4.79 19.84 8.10
N ASN A 117 -3.66 19.57 8.77
CA ASN A 117 -2.45 19.16 8.06
C ASN A 117 -2.71 17.94 7.19
N LEU A 118 -3.40 16.93 7.75
CA LEU A 118 -3.60 15.69 7.03
C LEU A 118 -4.78 15.76 6.06
N VAL A 119 -5.76 16.63 6.33
CA VAL A 119 -6.76 16.92 5.30
C VAL A 119 -6.07 17.43 4.05
N GLN A 120 -5.13 18.35 4.21
CA GLN A 120 -4.49 18.98 3.06
C GLN A 120 -3.40 18.11 2.46
N GLU A 121 -2.80 17.20 3.25
CA GLU A 121 -1.75 16.35 2.73
C GLU A 121 -2.27 15.03 2.14
N ILE A 122 -3.33 14.47 2.72
CA ILE A 122 -3.83 13.15 2.32
C ILE A 122 -5.27 13.22 1.84
N GLY A 123 -6.17 13.80 2.64
CA GLY A 123 -7.56 13.89 2.23
C GLY A 123 -7.72 14.55 0.87
N ASP A 124 -7.10 15.71 0.70
CA ASP A 124 -7.17 16.41 -0.58
C ASP A 124 -6.46 15.66 -1.69
N GLN A 125 -5.47 14.81 -1.37
CA GLN A 125 -4.75 14.12 -2.44
C GLN A 125 -5.64 13.16 -3.19
N LYS A 126 -6.71 12.68 -2.56
CA LYS A 126 -7.60 11.74 -3.24
C LYS A 126 -8.22 12.37 -4.47
N ARG A 127 -8.74 13.59 -4.35
CA ARG A 127 -9.33 14.22 -5.52
C ARG A 127 -8.26 14.77 -6.46
N GLN A 128 -7.12 15.21 -5.92
CA GLN A 128 -5.97 15.54 -6.75
C GLN A 128 -5.59 14.36 -7.64
N MET A 129 -5.43 13.18 -7.03
CA MET A 129 -5.02 11.99 -7.76
C MET A 129 -6.04 11.62 -8.82
N ALA A 130 -7.32 11.58 -8.45
CA ALA A 130 -8.35 11.23 -9.42
C ALA A 130 -8.39 12.22 -10.57
N HIS A 131 -8.19 13.51 -10.27
CA HIS A 131 -8.26 14.54 -11.29
C HIS A 131 -7.10 14.40 -12.29
N PHE A 132 -5.86 14.42 -11.81
CA PHE A 132 -4.73 14.49 -12.74
C PHE A 132 -4.40 13.15 -13.40
N ALA A 133 -4.67 12.02 -12.74
CA ALA A 133 -4.49 10.74 -13.41
C ALA A 133 -5.70 10.31 -14.20
N SER A 134 -6.85 10.96 -14.01
CA SER A 134 -8.09 10.59 -14.69
C SER A 134 -8.46 9.14 -14.42
N ILE A 135 -8.55 8.81 -13.13
CA ILE A 135 -8.97 7.47 -12.72
C ILE A 135 -10.15 7.62 -11.77
N PRO A 136 -11.03 6.63 -11.65
CA PRO A 136 -12.20 6.78 -10.77
C PRO A 136 -11.76 7.03 -9.33
N ALA A 137 -12.36 8.06 -8.71
CA ALA A 137 -12.04 8.38 -7.32
C ALA A 137 -12.31 7.21 -6.40
N SER A 138 -13.28 6.35 -6.75
CA SER A 138 -13.62 5.18 -5.96
C SER A 138 -12.50 4.15 -5.92
N ALA A 139 -11.60 4.15 -6.90
CA ALA A 139 -10.49 3.21 -6.90
C ALA A 139 -9.35 3.61 -5.97
N ILE A 140 -9.40 4.80 -5.38
CA ILE A 140 -8.37 5.31 -4.48
C ILE A 140 -8.81 5.03 -3.06
N LYS A 141 -8.16 4.06 -2.41
CA LYS A 141 -8.61 3.62 -1.09
C LYS A 141 -7.52 3.49 -0.04
N GLY A 142 -6.25 3.41 -0.44
CA GLY A 142 -5.18 3.12 0.50
C GLY A 142 -4.37 4.34 0.87
N VAL A 143 -3.76 4.29 2.06
CA VAL A 143 -2.91 5.35 2.58
C VAL A 143 -1.68 4.71 3.20
N ARG A 144 -0.50 5.25 2.87
CA ARG A 144 0.72 4.99 3.63
C ARG A 144 1.34 6.33 3.98
N ILE A 145 1.50 6.61 5.27
CA ILE A 145 2.05 7.90 5.68
C ILE A 145 3.56 7.91 5.43
N PRO A 146 4.13 9.01 4.94
CA PRO A 146 5.58 9.09 4.72
C PRO A 146 6.38 8.66 5.95
N PHE A 147 7.56 8.08 5.69
CA PHE A 147 8.51 7.64 6.71
C PHE A 147 7.92 6.59 7.65
N LEU A 148 6.80 5.98 7.27
CA LEU A 148 6.12 5.02 8.14
C LEU A 148 5.79 5.65 9.48
N GLN A 149 5.55 6.97 9.48
CA GLN A 149 5.35 7.74 10.69
C GLN A 149 3.85 7.86 10.98
N MET A 150 3.39 7.14 11.99
CA MET A 150 2.00 7.25 12.39
C MET A 150 1.71 8.64 12.95
N SER A 151 0.43 9.00 12.95
CA SER A 151 -0.03 10.31 13.40
C SER A 151 -1.15 10.17 14.42
N GLY A 152 -1.07 9.17 15.28
CA GLY A 152 -2.10 8.97 16.30
C GLY A 152 -3.45 8.65 15.68
N ASN A 153 -4.50 9.29 16.21
CA ASN A 153 -5.83 9.15 15.64
C ASN A 153 -6.01 9.95 14.36
N THR A 154 -5.15 10.94 14.12
CA THR A 154 -5.46 11.99 13.17
C THR A 154 -5.65 11.44 11.75
N SER A 155 -4.69 10.64 11.29
CA SER A 155 -4.76 10.14 9.91
C SER A 155 -5.99 9.26 9.70
N PHE A 156 -6.42 8.54 10.73
CA PHE A 156 -7.60 7.68 10.57
C PHE A 156 -8.90 8.49 10.57
N GLN A 157 -8.96 9.57 11.35
CA GLN A 157 -10.10 10.49 11.26
C GLN A 157 -10.25 11.05 9.85
N VAL A 158 -9.13 11.48 9.27
CA VAL A 158 -9.15 12.01 7.91
C VAL A 158 -9.64 10.93 6.94
N MET A 159 -9.16 9.71 7.11
CA MET A 159 -9.58 8.62 6.22
C MET A 159 -11.08 8.40 6.29
N ALA A 160 -11.63 8.39 7.51
CA ALA A 160 -13.08 8.27 7.68
C ALA A 160 -13.82 9.39 6.94
N ASP A 161 -13.26 10.60 6.97
CA ASP A 161 -13.93 11.74 6.34
C ASP A 161 -13.88 11.68 4.82
N PHE A 162 -12.88 11.00 4.25
CA PHE A 162 -12.72 11.02 2.80
C PHE A 162 -12.88 9.65 2.16
N ASP A 163 -13.46 8.69 2.88
CA ASP A 163 -13.76 7.36 2.37
C ASP A 163 -12.52 6.69 1.79
N LEU A 164 -11.44 6.76 2.58
CA LEU A 164 -10.28 5.91 2.36
C LEU A 164 -10.45 4.66 3.22
N LEU A 165 -10.19 3.51 2.62
CA LEU A 165 -10.57 2.23 3.22
C LEU A 165 -9.55 1.69 4.23
N TYR A 166 -8.25 1.77 3.93
CA TYR A 166 -7.27 1.11 4.77
C TYR A 166 -5.97 1.91 4.82
N ASP A 167 -5.26 1.75 5.93
CA ASP A 167 -3.92 2.27 6.11
C ASP A 167 -2.93 1.10 6.14
N CYS A 168 -1.77 1.30 5.50
CA CYS A 168 -0.67 0.33 5.54
C CYS A 168 0.62 1.03 5.93
N THR A 169 0.60 1.64 7.12
CA THR A 169 1.73 2.37 7.68
C THR A 169 2.27 1.76 8.95
N TRP A 170 1.56 0.80 9.53
CA TRP A 170 1.76 0.39 10.92
C TRP A 170 2.37 -1.00 10.98
N PRO A 171 3.68 -1.12 11.18
CA PRO A 171 4.31 -2.45 11.24
C PRO A 171 4.11 -3.09 12.60
N THR A 172 4.17 -4.43 12.60
CA THR A 172 4.24 -5.22 13.82
C THR A 172 5.50 -6.07 13.82
N THR A 173 6.12 -6.19 14.99
CA THR A 173 7.22 -7.11 15.20
C THR A 173 6.89 -8.20 16.21
N ALA A 174 5.99 -7.92 17.16
CA ALA A 174 5.59 -8.91 18.14
C ALA A 174 4.54 -9.89 17.60
N LEU A 175 3.79 -9.50 16.57
CA LEU A 175 2.67 -10.32 16.12
C LEU A 175 2.88 -10.83 14.70
N THR A 176 3.99 -11.54 14.47
CA THR A 176 4.34 -12.01 13.13
C THR A 176 4.17 -13.51 12.94
N ASN A 177 4.09 -14.30 14.01
CA ASN A 177 3.88 -15.75 13.90
C ASN A 177 3.18 -16.24 15.16
N PRO A 178 1.84 -16.45 15.10
CA PRO A 178 0.98 -16.23 13.93
C PRO A 178 0.82 -14.75 13.59
N GLY A 179 0.70 -14.45 12.29
CA GLY A 179 0.70 -13.07 11.86
C GLY A 179 -0.60 -12.37 12.17
N LEU A 180 -0.49 -11.07 12.46
CA LEU A 180 -1.65 -10.23 12.72
C LEU A 180 -2.38 -9.92 11.41
N TRP A 181 -3.69 -10.17 11.39
CA TRP A 181 -4.57 -9.94 10.26
C TRP A 181 -5.19 -8.54 10.34
N PRO A 182 -5.70 -8.02 9.22
CA PRO A 182 -6.30 -6.67 9.24
C PRO A 182 -7.47 -6.58 10.21
N TYR A 183 -7.75 -5.33 10.63
CA TYR A 183 -8.78 -5.08 11.62
C TYR A 183 -9.24 -3.63 11.51
N THR A 184 -10.33 -3.32 12.19
CA THR A 184 -10.88 -1.97 12.26
C THR A 184 -10.59 -1.35 13.62
N LEU A 185 -10.88 -0.06 13.75
CA LEU A 185 -10.53 0.71 14.92
C LEU A 185 -11.73 1.06 15.78
N HIS A 186 -12.85 0.34 15.61
CA HIS A 186 -13.98 0.51 16.53
C HIS A 186 -13.56 0.29 17.98
N HIS A 187 -12.64 -0.64 18.21
CA HIS A 187 -12.23 -1.05 19.54
C HIS A 187 -10.73 -0.89 19.69
N GLU A 188 -10.24 -1.17 20.90
CA GLU A 188 -8.81 -0.99 21.18
C GLU A 188 -7.99 -2.03 20.43
N SER A 189 -6.84 -1.60 19.93
CA SER A 189 -5.95 -2.46 19.17
C SER A 189 -4.87 -3.05 20.07
N ILE A 190 -4.57 -4.33 19.85
CA ILE A 190 -3.49 -5.00 20.58
C ILE A 190 -2.14 -4.83 19.90
N GLN A 191 -2.07 -4.10 18.79
CA GLN A 191 -0.84 -4.02 18.02
C GLN A 191 0.22 -3.17 18.72
N ASP A 192 1.46 -3.64 18.66
CA ASP A 192 2.58 -2.89 19.19
C ASP A 192 2.85 -1.64 18.37
N CYS A 193 3.29 -0.56 19.04
CA CYS A 193 3.53 0.73 18.39
C CYS A 193 5.04 0.96 18.33
N ILE A 194 5.65 0.48 17.24
CA ILE A 194 7.08 0.70 17.03
C ILE A 194 7.37 2.19 16.78
N ILE A 195 6.53 2.84 15.98
CA ILE A 195 6.75 4.22 15.58
C ILE A 195 5.59 5.08 16.08
N PRO A 196 5.63 5.50 17.34
CA PRO A 196 4.47 6.20 17.94
C PRO A 196 4.33 7.61 17.39
N PRO A 197 3.16 8.24 17.58
CA PRO A 197 1.97 7.73 18.28
C PRO A 197 0.98 6.97 17.39
N CYS A 198 0.37 5.92 17.94
CA CYS A 198 -0.62 5.06 17.31
C CYS A 198 -2.02 5.42 17.78
N PRO A 199 -3.04 5.14 16.98
CA PRO A 199 -4.41 5.53 17.37
C PRO A 199 -4.89 4.75 18.58
N THR A 200 -5.60 5.44 19.47
CA THR A 200 -6.28 4.79 20.59
C THR A 200 -7.75 5.17 20.67
N ALA A 201 -8.24 6.05 19.80
CA ALA A 201 -9.64 6.42 19.79
C ALA A 201 -10.48 5.39 19.02
N SER A 202 -11.78 5.42 19.26
CA SER A 202 -12.72 4.62 18.47
C SER A 202 -13.05 5.39 17.20
N ILE A 203 -12.49 4.96 16.09
CA ILE A 203 -12.70 5.58 14.81
C ILE A 203 -13.22 4.57 13.84
N PRO A 204 -14.58 4.49 13.80
CA PRO A 204 -15.13 3.51 12.90
C PRO A 204 -15.01 3.83 11.46
N GLY A 205 -14.75 2.85 10.66
CA GLY A 205 -14.61 3.07 9.26
C GLY A 205 -13.41 2.74 8.44
N PRO A 206 -12.26 3.17 8.87
CA PRO A 206 -11.04 2.64 8.28
C PRO A 206 -10.38 1.40 8.87
N TRP A 207 -9.64 0.72 8.04
CA TRP A 207 -8.97 -0.47 8.40
C TRP A 207 -7.51 -0.32 8.56
N VAL A 208 -6.95 -1.08 9.46
CA VAL A 208 -5.50 -1.20 9.61
C VAL A 208 -5.07 -2.46 8.86
N LEU A 209 -4.15 -2.29 7.90
CA LEU A 209 -3.50 -3.40 7.23
C LEU A 209 -2.07 -3.46 7.73
N PRO A 210 -1.75 -4.33 8.69
CA PRO A 210 -0.42 -4.28 9.33
C PRO A 210 0.68 -4.68 8.37
N MET A 211 1.82 -4.00 8.50
CA MET A 211 3.04 -4.44 7.82
C MET A 211 3.69 -5.48 8.72
N ILE A 212 3.53 -6.75 8.40
CA ILE A 212 4.13 -7.81 9.20
C ILE A 212 5.61 -7.85 8.87
N SER A 213 6.44 -7.53 9.87
CA SER A 213 7.87 -7.37 9.65
C SER A 213 8.49 -8.65 9.12
N TRP A 214 9.49 -8.46 8.26
CA TRP A 214 10.39 -9.54 7.88
C TRP A 214 11.37 -9.82 9.02
N ARG A 215 12.15 -10.89 8.87
CA ARG A 215 13.28 -11.18 9.74
C ARG A 215 14.53 -11.23 8.89
N ASP A 216 15.56 -10.47 9.28
CA ASP A 216 16.78 -10.45 8.50
C ASP A 216 17.67 -11.64 8.90
N LEU A 217 18.89 -11.68 8.36
CA LEU A 217 19.76 -12.84 8.57
C LEU A 217 20.09 -13.05 10.04
N ASN A 218 20.11 -11.98 10.84
CA ASN A 218 20.33 -12.10 12.27
C ASN A 218 19.04 -11.95 13.08
N ASN A 219 17.90 -12.24 12.46
CA ASN A 219 16.60 -12.24 13.11
C ASN A 219 16.18 -10.86 13.63
N PHE A 220 16.78 -9.79 13.13
CA PHE A 220 16.22 -8.49 13.46
C PHE A 220 15.01 -8.20 12.55
N PRO A 221 14.00 -7.53 13.06
CA PRO A 221 12.82 -7.24 12.23
C PRO A 221 13.09 -6.12 11.25
N CYS A 222 12.39 -6.16 10.12
CA CYS A 222 12.39 -5.05 9.17
C CYS A 222 11.04 -4.98 8.48
N SER A 223 10.54 -3.75 8.30
CA SER A 223 9.24 -3.52 7.70
C SER A 223 9.29 -3.55 6.18
N MET A 224 10.34 -2.99 5.61
CA MET A 224 10.50 -2.91 4.17
C MET A 224 11.77 -3.65 3.76
N VAL A 225 11.72 -4.25 2.57
CA VAL A 225 12.83 -5.07 2.09
C VAL A 225 14.11 -4.25 2.04
N ASP A 226 14.02 -3.02 1.56
CA ASP A 226 15.19 -2.14 1.51
C ASP A 226 15.52 -1.51 2.86
N GLY A 227 14.87 -1.95 3.94
CA GLY A 227 15.21 -1.50 5.28
C GLY A 227 15.84 -2.58 6.12
N CYS A 228 15.99 -3.78 5.56
CA CYS A 228 16.58 -4.89 6.29
C CYS A 228 18.09 -4.68 6.40
N PHE A 229 18.62 -4.80 7.62
CA PHE A 229 20.02 -4.47 7.86
C PHE A 229 20.96 -5.62 7.51
N PHE A 230 20.79 -6.76 8.18
CA PHE A 230 21.65 -7.92 7.96
C PHE A 230 21.08 -8.72 6.78
N THR A 231 21.73 -8.60 5.64
CA THR A 231 21.13 -9.05 4.39
C THR A 231 22.21 -9.58 3.48
N PRO A 232 21.89 -10.51 2.58
CA PRO A 232 22.88 -10.99 1.61
C PRO A 232 23.54 -9.88 0.81
N ASP A 233 24.71 -10.18 0.25
CA ASP A 233 25.40 -9.21 -0.59
C ASP A 233 24.53 -8.82 -1.78
N ARG A 234 24.61 -7.55 -2.19
CA ARG A 234 23.75 -7.05 -3.25
C ARG A 234 23.91 -7.82 -4.56
N THR A 235 25.04 -8.50 -4.77
CA THR A 235 25.30 -9.26 -5.99
C THR A 235 24.91 -10.73 -5.88
N ASP A 236 24.45 -11.18 -4.70
CA ASP A 236 24.20 -12.59 -4.43
C ASP A 236 22.74 -12.90 -4.75
N GLU A 237 22.47 -13.28 -6.01
CA GLU A 237 21.10 -13.57 -6.42
C GLU A 237 20.51 -14.72 -5.62
N GLU A 238 21.26 -15.81 -5.49
CA GLU A 238 20.72 -16.98 -4.81
C GLU A 238 20.48 -16.72 -3.33
N GLY A 239 21.37 -15.97 -2.68
CA GLY A 239 21.13 -15.61 -1.29
C GLY A 239 19.87 -14.78 -1.12
N TRP A 240 19.62 -13.86 -2.04
CA TRP A 240 18.44 -13.01 -1.95
C TRP A 240 17.16 -13.80 -2.22
N PHE A 241 17.25 -14.76 -3.13
CA PHE A 241 16.10 -15.61 -3.42
C PHE A 241 15.70 -16.44 -2.20
N LYS A 242 16.69 -17.03 -1.52
CA LYS A 242 16.43 -17.78 -0.31
C LYS A 242 15.97 -16.87 0.82
N PHE A 243 16.45 -15.63 0.85
CA PHE A 243 16.06 -14.68 1.88
C PHE A 243 14.59 -14.26 1.73
N ILE A 244 14.17 -14.01 0.50
CA ILE A 244 12.78 -13.63 0.24
C ILE A 244 11.85 -14.81 0.57
N LEU A 245 12.20 -16.00 0.09
CA LEU A 245 11.32 -17.15 0.25
C LEU A 245 11.25 -17.62 1.70
N THR A 246 12.32 -17.44 2.47
CA THR A 246 12.27 -17.79 3.88
C THR A 246 11.24 -16.93 4.61
N ASN A 247 11.27 -15.62 4.37
CA ASN A 247 10.28 -14.74 4.97
C ASN A 247 8.88 -15.07 4.47
N PHE A 248 8.74 -15.41 3.19
CA PHE A 248 7.44 -15.80 2.67
C PHE A 248 6.92 -17.08 3.33
N GLU A 249 7.80 -18.07 3.52
CA GLU A 249 7.37 -19.35 4.11
C GLU A 249 6.86 -19.18 5.53
N ARG A 250 7.39 -18.20 6.26
CA ARG A 250 6.90 -17.91 7.61
C ARG A 250 5.40 -17.66 7.62
N HIS A 251 4.87 -17.08 6.54
CA HIS A 251 3.43 -16.89 6.37
C HIS A 251 2.78 -18.11 5.74
N TYR A 252 3.34 -18.59 4.62
CA TYR A 252 2.69 -19.66 3.86
C TYR A 252 2.55 -20.94 4.69
N LEU A 253 3.57 -21.26 5.48
CA LEU A 253 3.53 -22.42 6.36
C LEU A 253 3.03 -22.07 7.76
N GLY A 254 2.58 -20.84 7.97
CA GLY A 254 2.02 -20.42 9.25
C GLY A 254 0.52 -20.17 9.17
N ASN A 255 0.05 -19.06 9.74
CA ASN A 255 -1.37 -18.74 9.70
C ASN A 255 -1.77 -17.93 8.47
N ARG A 256 -0.87 -17.77 7.50
CA ARG A 256 -1.18 -17.26 6.18
C ARG A 256 -1.57 -15.78 6.16
N ALA A 257 -1.17 -15.03 7.18
CA ALA A 257 -1.43 -13.59 7.19
C ALA A 257 -0.81 -12.97 5.94
N PRO A 258 -1.41 -11.90 5.40
CA PRO A 258 -0.88 -11.30 4.17
C PRO A 258 0.61 -11.03 4.27
N PHE A 259 1.35 -11.47 3.25
CA PHE A 259 2.79 -11.29 3.19
C PHE A 259 3.10 -10.06 2.35
N GLY A 260 3.92 -9.18 2.88
CA GLY A 260 4.28 -7.95 2.22
C GLY A 260 5.64 -8.03 1.53
N PHE A 261 5.74 -7.35 0.39
CA PHE A 261 7.02 -7.06 -0.27
C PHE A 261 7.02 -5.55 -0.48
N PHE A 262 7.35 -4.81 0.58
CA PHE A 262 7.28 -3.35 0.59
C PHE A 262 8.67 -2.79 0.28
N VAL A 263 8.79 -2.10 -0.85
CA VAL A 263 10.10 -1.66 -1.33
C VAL A 263 9.97 -0.33 -2.06
N HIS A 264 11.10 0.37 -2.19
CA HIS A 264 11.25 1.46 -3.15
C HIS A 264 11.88 0.89 -4.41
N GLU A 265 11.46 1.41 -5.57
CA GLU A 265 11.92 0.85 -6.84
C GLU A 265 13.43 0.96 -6.98
N TRP A 266 14.02 2.06 -6.48
CA TRP A 266 15.46 2.25 -6.56
C TRP A 266 16.22 1.00 -6.10
N PHE A 267 15.76 0.38 -5.00
CA PHE A 267 16.41 -0.81 -4.48
C PHE A 267 16.38 -1.97 -5.48
N ILE A 268 15.36 -2.03 -6.33
CA ILE A 268 15.24 -3.14 -7.28
C ILE A 268 16.13 -2.90 -8.50
N SER A 269 16.08 -1.71 -9.09
CA SER A 269 16.84 -1.45 -10.31
C SER A 269 18.32 -1.20 -10.03
N SER A 270 18.66 -0.76 -8.82
CA SER A 270 20.07 -0.57 -8.46
C SER A 270 20.80 -1.89 -8.24
N ASN A 271 20.09 -2.98 -8.02
CA ASN A 271 20.69 -4.26 -7.64
C ASN A 271 20.12 -5.35 -8.53
N PRO A 272 20.67 -5.51 -9.74
CA PRO A 272 20.13 -6.50 -10.68
C PRO A 272 19.99 -7.90 -10.10
N ALA A 273 20.87 -8.31 -9.18
CA ALA A 273 20.76 -9.65 -8.61
C ALA A 273 19.53 -9.75 -7.70
N ILE A 274 19.21 -8.68 -6.98
CA ILE A 274 17.98 -8.67 -6.17
C ILE A 274 16.76 -8.68 -7.08
N LYS A 275 16.79 -7.88 -8.15
CA LYS A 275 15.69 -7.91 -9.11
C LYS A 275 15.45 -9.30 -9.65
N ARG A 276 16.52 -10.04 -9.95
CA ARG A 276 16.38 -11.38 -10.49
C ARG A 276 15.80 -12.33 -9.47
N ALA A 277 16.25 -12.24 -8.21
CA ALA A 277 15.63 -13.03 -7.15
C ALA A 277 14.17 -12.65 -6.98
N PHE A 278 13.89 -11.34 -6.99
CA PHE A 278 12.51 -10.85 -6.91
C PHE A 278 11.64 -11.41 -8.03
N VAL A 279 12.14 -11.37 -9.27
CA VAL A 279 11.38 -11.90 -10.40
C VAL A 279 11.13 -13.40 -10.23
N ARG A 280 12.13 -14.14 -9.76
CA ARG A 280 11.96 -15.58 -9.55
C ARG A 280 10.91 -15.87 -8.49
N PHE A 281 10.91 -15.09 -7.41
CA PHE A 281 9.91 -15.25 -6.36
C PHE A 281 8.50 -15.09 -6.91
N MET A 282 8.29 -14.07 -7.72
CA MET A 282 7.02 -13.79 -8.34
C MET A 282 6.62 -14.86 -9.29
N ASP A 283 7.54 -15.40 -10.06
CA ASP A 283 7.26 -16.51 -10.95
C ASP A 283 6.75 -17.72 -10.17
N ILE A 284 7.33 -17.97 -9.00
CA ILE A 284 6.92 -19.11 -8.19
C ILE A 284 5.49 -18.95 -7.69
N ILE A 285 5.20 -17.80 -7.06
CA ILE A 285 3.87 -17.66 -6.45
C ILE A 285 2.79 -17.54 -7.51
N ASN A 286 3.13 -17.01 -8.70
CA ASN A 286 2.16 -16.97 -9.79
C ASN A 286 1.75 -18.38 -10.23
N ASN A 287 2.60 -19.37 -9.97
CA ASN A 287 2.30 -20.76 -10.32
C ASN A 287 1.70 -21.56 -9.17
N LEU A 288 1.54 -20.96 -7.99
CA LEU A 288 0.93 -21.66 -6.86
C LEU A 288 -0.59 -21.46 -6.87
N ASN A 289 -1.31 -22.55 -6.62
CA ASN A 289 -2.76 -22.53 -6.74
C ASN A 289 -3.47 -21.89 -5.55
N ASP A 290 -2.78 -21.67 -4.43
CA ASP A 290 -3.38 -21.07 -3.26
C ASP A 290 -2.65 -19.81 -2.79
N VAL A 291 -1.84 -19.20 -3.67
CA VAL A 291 -1.18 -17.94 -3.39
C VAL A 291 -1.62 -16.94 -4.45
N PHE A 292 -1.77 -15.68 -4.05
CA PHE A 292 -2.33 -14.68 -4.95
C PHE A 292 -1.64 -13.34 -4.73
N MET A 293 -1.02 -12.84 -5.79
CA MET A 293 -0.40 -11.53 -5.83
C MET A 293 -1.50 -10.51 -6.17
N VAL A 294 -1.90 -9.69 -5.19
CA VAL A 294 -3.11 -8.89 -5.31
C VAL A 294 -2.83 -7.45 -4.93
N ASN A 295 -3.79 -6.59 -5.24
CA ASN A 295 -3.83 -5.23 -4.71
C ASN A 295 -4.20 -5.26 -3.23
N SER A 296 -3.71 -4.28 -2.50
CA SER A 296 -3.94 -4.27 -1.04
C SER A 296 -5.44 -4.18 -0.71
N ALA A 297 -6.21 -3.47 -1.53
CA ALA A 297 -7.65 -3.39 -1.29
C ALA A 297 -8.32 -4.75 -1.38
N GLU A 298 -7.79 -5.64 -2.23
CA GLU A 298 -8.37 -6.98 -2.34
C GLU A 298 -8.16 -7.79 -1.06
N VAL A 299 -7.11 -7.48 -0.28
CA VAL A 299 -6.94 -8.15 1.00
C VAL A 299 -8.06 -7.76 1.96
N ILE A 300 -8.32 -6.45 2.09
CA ILE A 300 -9.43 -5.98 2.91
C ILE A 300 -10.75 -6.57 2.42
N ASP A 301 -10.93 -6.66 1.09
CA ASP A 301 -12.16 -7.22 0.56
C ASP A 301 -12.35 -8.67 1.02
N TRP A 302 -11.26 -9.45 1.03
CA TRP A 302 -11.38 -10.84 1.48
C TRP A 302 -11.67 -10.92 2.96
N VAL A 303 -10.94 -10.15 3.77
CA VAL A 303 -11.17 -10.15 5.21
C VAL A 303 -12.62 -9.81 5.54
N LYS A 304 -13.24 -8.93 4.74
CA LYS A 304 -14.62 -8.54 4.98
C LYS A 304 -15.60 -9.67 4.66
N ASN A 305 -15.30 -10.50 3.66
CA ASN A 305 -16.13 -11.65 3.32
C ASN A 305 -15.22 -12.84 3.03
N PRO A 306 -14.66 -13.47 4.06
CA PRO A 306 -13.65 -14.51 3.84
C PRO A 306 -14.27 -15.80 3.30
N VAL A 307 -13.62 -16.36 2.29
CA VAL A 307 -14.07 -17.60 1.68
C VAL A 307 -12.87 -18.54 1.58
N PRO A 308 -13.07 -19.85 1.60
CA PRO A 308 -11.95 -20.77 1.44
C PRO A 308 -11.34 -20.64 0.05
N ILE A 309 -10.14 -21.21 -0.09
CA ILE A 309 -9.40 -21.13 -1.35
C ILE A 309 -10.28 -21.50 -2.54
N ASP A 310 -11.01 -22.62 -2.42
CA ASP A 310 -11.75 -23.13 -3.56
C ASP A 310 -12.79 -22.14 -4.05
N ARG A 311 -13.48 -21.48 -3.13
CA ARG A 311 -14.46 -20.47 -3.54
C ARG A 311 -13.78 -19.17 -3.96
N TYR A 312 -12.68 -18.79 -3.32
CA TYR A 312 -11.94 -17.61 -3.77
C TYR A 312 -11.54 -17.76 -5.23
N ARG A 313 -11.04 -18.95 -5.61
CA ARG A 313 -10.63 -19.19 -6.98
C ARG A 313 -11.77 -19.06 -7.98
N GLN A 314 -13.02 -19.24 -7.53
CA GLN A 314 -14.18 -19.10 -8.40
C GLN A 314 -14.70 -17.68 -8.50
N GLN A 315 -14.27 -16.78 -7.61
CA GLN A 315 -14.71 -15.39 -7.68
C GLN A 315 -14.15 -14.73 -8.94
N GLN A 316 -14.94 -13.83 -9.51
CA GLN A 316 -14.49 -13.13 -10.70
C GLN A 316 -13.26 -12.28 -10.40
N CYS A 317 -12.45 -12.08 -11.43
CA CYS A 317 -11.30 -11.20 -11.32
C CYS A 317 -11.74 -9.79 -10.94
N LYS A 318 -10.81 -9.01 -10.41
CA LYS A 318 -11.06 -7.59 -10.18
C LYS A 318 -11.58 -6.96 -11.45
N PHE A 319 -12.51 -6.02 -11.29
CA PHE A 319 -13.00 -5.24 -12.42
C PHE A 319 -12.20 -3.94 -12.50
N THR A 320 -11.47 -3.75 -13.59
CA THR A 320 -10.73 -2.53 -13.82
C THR A 320 -11.50 -1.72 -14.86
N MET A 321 -12.22 -0.69 -14.40
CA MET A 321 -12.93 0.18 -15.29
C MET A 321 -11.94 0.96 -16.15
N PRO A 322 -11.96 0.81 -17.47
CA PRO A 322 -11.00 1.55 -18.31
C PRO A 322 -11.24 3.05 -18.21
N SER A 323 -10.16 3.80 -18.31
CA SER A 323 -10.23 5.25 -18.14
C SER A 323 -9.13 5.86 -19.00
N ILE A 324 -9.50 6.48 -20.12
CA ILE A 324 -8.51 6.95 -21.08
C ILE A 324 -7.76 8.15 -20.51
N CYS A 325 -6.49 8.24 -20.89
CA CYS A 325 -5.68 9.42 -20.61
C CYS A 325 -5.68 10.31 -21.84
N ARG A 326 -6.12 11.56 -21.66
CA ARG A 326 -5.89 12.59 -22.66
C ARG A 326 -4.72 13.42 -22.18
N PRO A 327 -3.50 13.15 -22.64
CA PRO A 327 -2.32 13.73 -21.99
C PRO A 327 -2.14 15.21 -22.28
N SER A 328 -1.61 15.92 -21.29
CA SER A 328 -1.19 17.31 -21.45
C SER A 328 0.19 17.48 -20.82
N PHE A 329 1.03 18.28 -21.46
CA PHE A 329 2.32 18.68 -20.92
C PHE A 329 2.22 20.14 -20.49
N CYS A 330 2.45 20.41 -19.21
CA CYS A 330 2.13 21.69 -18.61
C CYS A 330 3.36 22.32 -17.95
N GLY A 331 3.44 23.65 -18.03
CA GLY A 331 4.49 24.37 -17.37
C GLY A 331 5.02 25.52 -18.21
N PRO A 332 5.83 26.40 -17.60
CA PRO A 332 6.28 26.27 -16.21
C PRO A 332 5.23 26.69 -15.20
N LEU A 333 5.00 25.85 -14.21
CA LEU A 333 4.05 26.11 -13.13
C LEU A 333 4.80 26.48 -11.87
N THR A 334 4.20 27.36 -11.08
CA THR A 334 4.77 27.74 -9.79
C THR A 334 3.66 27.83 -8.76
N GLY A 335 4.05 27.81 -7.49
CA GLY A 335 3.12 27.88 -6.39
C GLY A 335 3.42 29.06 -5.47
N THR A 336 2.46 29.35 -4.59
CA THR A 336 2.64 30.44 -3.64
C THR A 336 3.57 30.04 -2.49
N HIS A 337 3.68 28.74 -2.21
CA HIS A 337 4.48 28.23 -1.09
C HIS A 337 5.76 27.54 -1.58
N ASN A 338 5.93 27.38 -2.89
CA ASN A 338 6.83 26.35 -3.38
C ASN A 338 8.24 26.85 -3.69
N GLN A 339 8.36 28.08 -4.21
CA GLN A 339 9.64 28.69 -4.55
C GLN A 339 10.26 28.04 -5.80
N LEU A 340 9.93 26.77 -6.07
CA LEU A 340 10.38 26.07 -7.25
C LEU A 340 9.39 26.25 -8.41
N SER A 341 9.86 25.93 -9.61
CA SER A 341 9.01 25.84 -10.79
C SER A 341 9.00 24.40 -11.28
N TYR A 342 7.94 24.04 -12.02
CA TYR A 342 7.71 22.64 -12.38
C TYR A 342 7.10 22.54 -13.76
N TYR A 343 7.36 21.40 -14.40
CA TYR A 343 6.58 20.93 -15.53
C TYR A 343 5.89 19.62 -15.15
N MET A 344 4.70 19.39 -15.71
CA MET A 344 3.89 18.23 -15.35
C MET A 344 3.36 17.52 -16.59
N THR A 345 3.28 16.20 -16.48
CA THR A 345 2.54 15.37 -17.43
C THR A 345 1.30 14.84 -16.72
N ILE A 346 0.12 15.17 -17.26
CA ILE A 346 -1.15 14.88 -16.60
C ILE A 346 -2.13 14.34 -17.63
N CYS A 347 -3.26 13.85 -17.13
CA CYS A 347 -4.35 13.34 -17.96
C CYS A 347 -5.56 14.26 -17.89
N ASN A 348 -5.30 15.57 -17.81
CA ASN A 348 -6.35 16.58 -17.73
C ASN A 348 -5.80 17.85 -18.36
N THR A 349 -6.62 18.91 -18.35
CA THR A 349 -6.15 20.19 -18.85
C THR A 349 -5.21 20.82 -17.83
N CYS A 350 -4.33 21.69 -18.33
CA CYS A 350 -3.26 22.24 -17.51
C CYS A 350 -3.82 23.15 -16.43
N PRO A 351 -3.32 23.04 -15.19
CA PRO A 351 -3.74 23.97 -14.15
C PRO A 351 -3.02 25.31 -14.31
N ARG A 352 -3.56 26.33 -13.62
CA ARG A 352 -2.97 27.65 -13.70
C ARG A 352 -1.67 27.72 -12.91
N ASN A 353 -1.62 27.00 -11.78
CA ASN A 353 -0.48 27.02 -10.88
C ASN A 353 -0.11 25.60 -10.52
N TYR A 354 1.00 25.46 -9.81
CA TYR A 354 1.47 24.13 -9.43
C TYR A 354 0.57 23.56 -8.35
N PRO A 355 -0.05 22.40 -8.56
CA PRO A 355 -0.86 21.79 -7.49
C PRO A 355 0.02 21.45 -6.30
N TRP A 356 -0.46 21.82 -5.11
CA TRP A 356 0.34 21.63 -3.91
C TRP A 356 -0.58 21.63 -2.69
N VAL A 357 0.03 21.58 -1.49
CA VAL A 357 -0.73 21.56 -0.25
C VAL A 357 -1.53 22.85 -0.13
N GLY A 358 -2.83 22.72 0.13
CA GLY A 358 -3.72 23.86 0.22
C GLY A 358 -4.23 24.37 -1.11
N ASN A 359 -3.74 23.83 -2.23
CA ASN A 359 -4.20 24.19 -3.56
C ASN A 359 -4.12 22.93 -4.42
N PRO A 360 -4.80 21.85 -4.04
CA PRO A 360 -4.48 20.52 -4.58
C PRO A 360 -4.70 20.38 -6.08
N LEU A 361 -5.48 21.26 -6.70
CA LEU A 361 -5.71 21.16 -8.13
C LEU A 361 -5.02 22.28 -8.91
N GLY A 362 -4.09 23.00 -8.28
CA GLY A 362 -3.38 24.09 -8.93
C GLY A 362 -4.30 25.18 -9.46
N GLN A 363 -5.42 25.42 -8.80
CA GLN A 363 -6.48 26.25 -9.34
C GLN A 363 -6.41 27.70 -8.89
N HIS A 364 -5.94 27.95 -7.67
CA HIS A 364 -6.08 29.24 -7.03
C HIS A 364 -4.80 30.07 -7.10
N HIS A 365 -4.94 31.35 -6.76
CA HIS A 365 -3.82 32.27 -6.67
C HIS A 365 -3.76 32.87 -5.26
C1 NAG B . -6.36 9.88 20.33
C2 NAG B . -5.62 10.91 21.17
C3 NAG B . -5.52 10.42 22.61
C4 NAG B . -6.92 10.20 23.16
C5 NAG B . -7.70 9.23 22.26
C6 NAG B . -9.15 9.11 22.65
C7 NAG B . -3.31 10.41 20.43
C8 NAG B . -2.04 11.02 19.89
N2 NAG B . -4.31 11.27 20.65
O3 NAG B . -4.78 11.36 23.37
O4 NAG B . -6.93 9.61 24.46
O5 NAG B . -7.68 9.67 20.89
O6 NAG B . -9.74 10.40 22.86
O7 NAG B . -3.41 9.21 20.63
C1 NAG B . -6.52 10.43 25.55
C2 NAG B . -7.51 10.40 26.72
C3 NAG B . -6.95 11.16 27.91
C4 NAG B . -5.60 10.60 28.30
C5 NAG B . -4.65 10.62 27.10
C6 NAG B . -3.34 9.93 27.37
C7 NAG B . -9.95 10.23 26.51
C8 NAG B . -11.20 10.90 26.04
N2 NAG B . -8.81 10.91 26.32
O3 NAG B . -7.85 11.06 29.00
O4 NAG B . -5.03 11.36 29.36
O5 NAG B . -5.25 9.93 26.00
O6 NAG B . -2.39 10.20 26.34
O7 NAG B . -9.96 9.12 27.04
ZN ZN C . 7.96 7.56 1.00
#